data_7AZW
#
_entry.id   7AZW
#
_cell.length_a   48.788
_cell.length_b   34.518
_cell.length_c   172.564
_cell.angle_alpha   90.000
_cell.angle_beta   96.180
_cell.angle_gamma   90.000
#
_symmetry.space_group_name_H-M   'I 1 2 1'
#
loop_
_entity.id
_entity.type
_entity.pdbx_description
1 polymer 'Zinc finger and BTB domain-containing protein 17 isoform X1'
2 non-polymer GLYCEROL
3 water water
#
_entity_poly.entity_id   1
_entity_poly.type   'polypeptide(L)'
_entity_poly.pdbx_seq_one_letter_code
;GGSMASMDFPQHSQHVLEQLNQQRQLGLLCDCTFVVDGVHFKAHKAVLAACSEYFKMLFVDQKDVVHLDISNAAGLGQVL
EFMYTAKLSLSPENVDDVLAVATFLQMQDIITACHALKSLA
;
_entity_poly.pdbx_strand_id   A,B
#
loop_
_chem_comp.id
_chem_comp.type
_chem_comp.name
_chem_comp.formula
GOL non-polymer GLYCEROL 'C3 H8 O3'
#
# COMPACT_ATOMS: atom_id res chain seq x y z
N GLY A 2 -9.62 -30.95 13.35
CA GLY A 2 -10.34 -29.79 12.85
C GLY A 2 -9.85 -28.49 13.47
N SER A 3 -8.54 -28.26 13.37
CA SER A 3 -7.92 -27.11 14.01
C SER A 3 -8.04 -25.88 13.14
N MET A 4 -8.18 -24.72 13.80
CA MET A 4 -8.25 -23.43 13.13
C MET A 4 -7.04 -22.59 13.53
N ALA A 5 -6.47 -21.86 12.57
CA ALA A 5 -5.25 -21.10 12.78
C ALA A 5 -5.45 -19.68 12.29
N SER A 6 -5.31 -18.71 13.19
CA SER A 6 -5.30 -17.30 12.84
C SER A 6 -3.84 -16.88 12.65
N MET A 7 -3.43 -16.70 11.40
CA MET A 7 -2.05 -16.44 11.05
C MET A 7 -1.78 -14.95 10.91
N ASP A 8 -0.58 -14.54 11.31
CA ASP A 8 -0.13 -13.16 11.19
C ASP A 8 1.24 -13.15 10.55
N PHE A 9 1.41 -12.28 9.54
CA PHE A 9 2.66 -12.15 8.78
C PHE A 9 3.29 -10.80 9.14
N PRO A 10 4.18 -10.75 10.13
CA PRO A 10 4.65 -9.44 10.62
C PRO A 10 5.51 -8.68 9.62
N GLN A 11 6.08 -9.33 8.62
CA GLN A 11 6.94 -8.66 7.65
C GLN A 11 6.22 -8.37 6.34
N HIS A 12 4.90 -8.55 6.28
CA HIS A 12 4.18 -8.41 5.02
C HIS A 12 4.02 -6.95 4.62
N SER A 13 3.71 -6.07 5.59
CA SER A 13 3.56 -4.65 5.27
C SER A 13 4.88 -4.06 4.78
N GLN A 14 6.00 -4.51 5.35
CA GLN A 14 7.30 -4.08 4.86
C GLN A 14 7.53 -4.56 3.43
N HIS A 15 7.17 -5.80 3.14
CA HIS A 15 7.35 -6.34 1.79
C HIS A 15 6.47 -5.61 0.78
N VAL A 16 5.25 -5.23 1.18
CA VAL A 16 4.36 -4.52 0.27
C VAL A 16 4.95 -3.17 -0.12
N LEU A 17 5.45 -2.42 0.87
CA LEU A 17 5.98 -1.10 0.60
C LEU A 17 7.25 -1.19 -0.26
N GLU A 18 8.11 -2.18 0.01
CA GLU A 18 9.30 -2.37 -0.81
C GLU A 18 8.93 -2.68 -2.25
N GLN A 19 7.87 -3.50 -2.45
CA GLN A 19 7.41 -3.79 -3.80
C GLN A 19 6.83 -2.55 -4.46
N LEU A 20 6.12 -1.72 -3.68
CA LEU A 20 5.59 -0.47 -4.23
C LEU A 20 6.71 0.50 -4.59
N ASN A 21 7.78 0.51 -3.81
CA ASN A 21 8.93 1.34 -4.14
C ASN A 21 9.65 0.80 -5.38
N GLN A 22 9.62 -0.52 -5.59
CA GLN A 22 10.21 -1.08 -6.80
C GLN A 22 9.38 -0.74 -8.03
N GLN A 23 8.05 -0.76 -7.89
CA GLN A 23 7.18 -0.29 -8.98
C GLN A 23 7.48 1.16 -9.33
N ARG A 24 7.72 1.99 -8.32
CA ARG A 24 7.98 3.41 -8.57
C ARG A 24 9.28 3.61 -9.32
N GLN A 25 10.34 2.93 -8.88
CA GLN A 25 11.65 3.10 -9.52
C GLN A 25 11.61 2.70 -11.00
N LEU A 26 10.77 1.74 -11.36
CA LEU A 26 10.61 1.34 -12.75
C LEU A 26 9.48 2.08 -13.45
N GLY A 27 8.70 2.89 -12.72
CA GLY A 27 7.62 3.62 -13.35
C GLY A 27 6.39 2.80 -13.67
N LEU A 28 6.26 1.61 -13.08
CA LEU A 28 5.13 0.73 -13.35
C LEU A 28 3.98 1.04 -12.40
N LEU A 29 2.78 1.14 -12.97
CA LEU A 29 1.53 1.31 -12.22
C LEU A 29 1.47 2.62 -11.46
N CYS A 30 2.31 3.59 -11.81
CA CYS A 30 2.24 4.91 -11.20
C CYS A 30 1.23 5.76 -11.97
N ASP A 31 0.43 6.53 -11.22
CA ASP A 31 -0.65 7.31 -11.80
C ASP A 31 -0.64 8.77 -11.39
N CYS A 32 0.44 9.26 -10.77
CA CYS A 32 0.54 10.66 -10.40
C CYS A 32 1.97 11.14 -10.64
N THR A 33 2.21 12.42 -10.40
CA THR A 33 3.52 13.03 -10.59
C THR A 33 3.82 13.90 -9.38
N PHE A 34 4.88 13.56 -8.66
CA PHE A 34 5.38 14.36 -7.55
C PHE A 34 6.46 15.30 -8.07
N VAL A 35 6.33 16.58 -7.76
CA VAL A 35 7.17 17.63 -8.34
C VAL A 35 8.07 18.21 -7.27
N VAL A 36 9.38 18.20 -7.52
CA VAL A 36 10.38 18.81 -6.66
C VAL A 36 11.34 19.61 -7.53
N ASP A 37 11.46 20.91 -7.27
CA ASP A 37 12.31 21.81 -8.05
C ASP A 37 11.96 21.76 -9.53
N GLY A 38 10.68 21.56 -9.84
CA GLY A 38 10.23 21.41 -11.21
C GLY A 38 10.42 20.03 -11.80
N VAL A 39 11.14 19.14 -11.13
CA VAL A 39 11.40 17.80 -11.65
C VAL A 39 10.19 16.91 -11.37
N HIS A 40 9.86 16.05 -12.33
CA HIS A 40 8.75 15.12 -12.18
C HIS A 40 9.24 13.81 -11.61
N PHE A 41 8.57 13.34 -10.54
CA PHE A 41 8.83 12.04 -9.95
C PHE A 41 7.53 11.25 -9.95
N LYS A 42 7.53 10.08 -10.57
CA LYS A 42 6.34 9.24 -10.60
C LYS A 42 6.09 8.62 -9.23
N ALA A 43 4.81 8.37 -8.95
CA ALA A 43 4.40 7.78 -7.67
C ALA A 43 2.98 7.26 -7.81
N HIS A 44 2.48 6.66 -6.73
CA HIS A 44 1.11 6.15 -6.67
C HIS A 44 0.24 7.10 -5.89
N LYS A 45 -0.92 7.46 -6.46
CA LYS A 45 -1.89 8.29 -5.75
C LYS A 45 -2.26 7.68 -4.40
N ALA A 46 -2.50 6.37 -4.37
CA ALA A 46 -2.94 5.72 -3.15
C ALA A 46 -1.87 5.76 -2.07
N VAL A 47 -0.59 5.64 -2.46
CA VAL A 47 0.49 5.68 -1.48
C VAL A 47 0.63 7.07 -0.89
N LEU A 48 0.61 8.10 -1.76
CA LEU A 48 0.72 9.47 -1.27
C LEU A 48 -0.47 9.82 -0.37
N ALA A 49 -1.67 9.39 -0.77
CA ALA A 49 -2.84 9.61 0.06
C ALA A 49 -2.77 8.83 1.37
N ALA A 50 -2.06 7.69 1.37
CA ALA A 50 -1.95 6.89 2.58
C ALA A 50 -1.07 7.56 3.63
N CYS A 51 -0.11 8.38 3.20
CA CYS A 51 0.79 9.04 4.14
C CYS A 51 0.40 10.49 4.44
N SER A 52 -0.41 11.12 3.60
CA SER A 52 -0.75 12.52 3.78
C SER A 52 -2.23 12.75 3.52
N GLU A 53 -2.90 13.40 4.48
CA GLU A 53 -4.30 13.79 4.27
C GLU A 53 -4.42 14.80 3.13
N TYR A 54 -3.41 15.65 2.97
CA TYR A 54 -3.43 16.64 1.88
C TYR A 54 -3.56 15.94 0.53
N PHE A 55 -2.80 14.86 0.32
CA PHE A 55 -2.88 14.16 -0.96
C PHE A 55 -4.13 13.31 -1.05
N LYS A 56 -4.69 12.88 0.08
CA LYS A 56 -5.98 12.19 0.04
C LYS A 56 -7.07 13.11 -0.49
N MET A 57 -7.10 14.35 -0.02
CA MET A 57 -8.07 15.30 -0.54
C MET A 57 -7.73 15.73 -1.96
N LEU A 58 -6.44 15.78 -2.30
CA LEU A 58 -6.04 16.21 -3.64
C LEU A 58 -6.44 15.18 -4.69
N PHE A 59 -6.33 13.89 -4.38
CA PHE A 59 -6.54 12.85 -5.38
C PHE A 59 -7.97 12.31 -5.39
N VAL A 60 -8.67 12.36 -4.26
CA VAL A 60 -10.06 11.91 -4.24
C VAL A 60 -10.97 12.96 -4.89
N ASP A 61 -10.76 14.24 -4.56
CA ASP A 61 -11.54 15.32 -5.11
C ASP A 61 -11.00 15.84 -6.44
N GLN A 62 -9.87 15.28 -6.91
CA GLN A 62 -9.11 15.76 -8.07
C GLN A 62 -9.19 17.28 -8.24
N LYS A 63 -8.88 18.00 -7.17
CA LYS A 63 -8.83 19.46 -7.20
C LYS A 63 -8.01 19.92 -6.00
N ASP A 64 -7.47 21.13 -6.11
CA ASP A 64 -6.65 21.72 -5.05
C ASP A 64 -7.53 22.65 -4.23
N VAL A 65 -8.10 22.11 -3.14
CA VAL A 65 -8.92 22.92 -2.24
C VAL A 65 -8.09 23.89 -1.42
N VAL A 66 -6.76 23.77 -1.44
CA VAL A 66 -5.91 24.69 -0.69
C VAL A 66 -5.50 25.90 -1.52
N HIS A 67 -5.33 25.72 -2.83
CA HIS A 67 -4.91 26.79 -3.74
C HIS A 67 -3.57 27.38 -3.32
N LEU A 68 -2.55 26.53 -3.30
CA LEU A 68 -1.21 26.93 -2.92
C LEU A 68 -0.21 26.05 -3.64
N ASP A 69 0.63 26.65 -4.48
CA ASP A 69 1.68 25.93 -5.18
C ASP A 69 2.80 25.61 -4.19
N ILE A 70 3.03 24.32 -3.94
CA ILE A 70 4.03 23.87 -2.99
C ILE A 70 5.19 23.16 -3.69
N SER A 71 5.31 23.31 -5.00
CA SER A 71 6.41 22.66 -5.72
C SER A 71 7.76 23.27 -5.35
N ASN A 72 7.78 24.53 -4.92
CA ASN A 72 9.00 25.21 -4.50
C ASN A 72 9.15 25.21 -2.99
N ALA A 73 8.45 24.33 -2.28
CA ALA A 73 8.51 24.30 -0.83
C ALA A 73 9.83 23.70 -0.37
N ALA A 74 10.45 24.34 0.62
CA ALA A 74 11.67 23.80 1.20
C ALA A 74 11.38 22.51 1.95
N GLY A 75 12.31 21.56 1.88
CA GLY A 75 12.17 20.28 2.54
C GLY A 75 11.35 19.25 1.80
N LEU A 76 10.75 19.61 0.66
CA LEU A 76 9.88 18.68 -0.05
C LEU A 76 10.64 17.51 -0.66
N GLY A 77 11.95 17.65 -0.87
CA GLY A 77 12.71 16.59 -1.51
C GLY A 77 12.81 15.32 -0.68
N GLN A 78 12.71 15.44 0.64
CA GLN A 78 12.76 14.28 1.52
C GLN A 78 11.43 13.60 1.70
N VAL A 79 10.33 14.20 1.22
CA VAL A 79 9.00 13.69 1.50
C VAL A 79 8.74 12.40 0.72
N LEU A 80 9.05 12.41 -0.58
CA LEU A 80 8.73 11.26 -1.43
C LEU A 80 9.53 10.02 -1.02
N GLU A 81 10.80 10.21 -0.65
CA GLU A 81 11.61 9.06 -0.25
C GLU A 81 11.14 8.48 1.09
N PHE A 82 10.62 9.32 1.98
CA PHE A 82 10.12 8.81 3.26
C PHE A 82 8.85 7.99 3.07
N MET A 83 7.98 8.42 2.16
CA MET A 83 6.71 7.73 1.98
C MET A 83 6.91 6.32 1.43
N TYR A 84 7.99 6.08 0.70
CA TYR A 84 8.24 4.78 0.10
C TYR A 84 9.30 3.96 0.83
N THR A 85 10.20 4.60 1.58
CA THR A 85 11.26 3.89 2.27
C THR A 85 11.36 4.19 3.76
N ALA A 86 10.68 5.23 4.26
CA ALA A 86 10.75 5.67 5.65
C ALA A 86 12.16 6.11 6.05
N LYS A 87 13.01 6.40 5.08
CA LYS A 87 14.33 6.96 5.35
C LYS A 87 14.26 8.49 5.35
N LEU A 88 15.05 9.10 6.23
CA LEU A 88 15.02 10.55 6.40
C LEU A 88 16.44 11.04 6.67
N SER A 89 16.90 11.99 5.85
CA SER A 89 18.23 12.57 6.00
C SER A 89 18.09 13.96 6.61
N LEU A 90 17.90 13.98 7.93
CA LEU A 90 17.73 15.24 8.65
C LEU A 90 19.06 15.77 9.13
N SER A 91 19.19 17.10 9.10
CA SER A 91 20.36 17.83 9.54
C SER A 91 19.87 19.13 10.15
N PRO A 92 20.53 19.64 11.19
CA PRO A 92 20.07 20.89 11.83
C PRO A 92 19.89 22.05 10.86
N GLU A 93 20.32 21.87 9.62
CA GLU A 93 20.17 22.89 8.59
C GLU A 93 18.81 22.84 7.89
N ASN A 94 18.09 21.71 7.96
CA ASN A 94 16.85 21.56 7.20
C ASN A 94 15.67 21.06 8.02
N VAL A 95 15.79 20.96 9.34
CA VAL A 95 14.69 20.40 10.13
C VAL A 95 13.48 21.33 10.10
N ASP A 96 13.70 22.62 10.34
CA ASP A 96 12.59 23.58 10.36
C ASP A 96 11.83 23.55 9.04
N ASP A 97 12.55 23.45 7.92
CA ASP A 97 11.89 23.36 6.63
C ASP A 97 11.09 22.06 6.51
N VAL A 98 11.68 20.95 6.94
CA VAL A 98 11.00 19.66 6.83
C VAL A 98 9.84 19.58 7.82
N LEU A 99 10.05 20.05 9.05
CA LEU A 99 8.95 20.08 10.02
C LEU A 99 7.80 20.94 9.51
N ALA A 100 8.10 22.05 8.86
CA ALA A 100 7.06 22.94 8.37
C ALA A 100 6.23 22.26 7.28
N VAL A 101 6.90 21.64 6.31
CA VAL A 101 6.17 21.01 5.21
C VAL A 101 5.49 19.73 5.67
N ALA A 102 6.05 19.05 6.67
CA ALA A 102 5.40 17.86 7.21
C ALA A 102 4.19 18.22 8.06
N THR A 103 4.20 19.38 8.69
CA THR A 103 3.00 19.86 9.39
C THR A 103 1.91 20.22 8.41
N PHE A 104 2.28 20.86 7.29
CA PHE A 104 1.29 21.20 6.27
C PHE A 104 0.68 19.95 5.64
N LEU A 105 1.50 18.91 5.44
CA LEU A 105 1.04 17.68 4.80
C LEU A 105 0.47 16.68 5.79
N GLN A 106 0.48 17.00 7.09
CA GLN A 106 -0.09 16.15 8.14
C GLN A 106 0.55 14.75 8.11
N MET A 107 1.87 14.73 8.20
CA MET A 107 2.66 13.50 8.25
C MET A 107 3.27 13.41 9.65
N GLN A 108 2.56 12.76 10.56
CA GLN A 108 2.97 12.76 11.97
C GLN A 108 4.29 12.00 12.17
N ASP A 109 4.58 11.02 11.31
CA ASP A 109 5.83 10.28 11.44
CA ASP A 109 5.84 10.28 11.45
C ASP A 109 7.03 11.20 11.28
N ILE A 110 7.00 12.07 10.26
CA ILE A 110 8.10 13.00 10.04
C ILE A 110 8.13 14.07 11.13
N ILE A 111 6.96 14.45 11.64
CA ILE A 111 6.90 15.49 12.67
C ILE A 111 7.64 15.04 13.93
N THR A 112 7.46 13.78 14.32
CA THR A 112 8.14 13.26 15.50
C THR A 112 9.65 13.19 15.29
N ALA A 113 10.08 12.70 14.12
CA ALA A 113 11.50 12.61 13.83
C ALA A 113 12.15 13.99 13.81
N CYS A 114 11.42 15.01 13.39
CA CYS A 114 11.95 16.37 13.42
C CYS A 114 11.98 16.90 14.85
N HIS A 115 10.99 16.55 15.66
CA HIS A 115 11.02 16.90 17.08
C HIS A 115 12.13 16.19 17.82
N ALA A 116 12.67 15.10 17.26
CA ALA A 116 13.74 14.37 17.93
C ALA A 116 15.05 15.15 17.94
N LEU A 117 15.26 16.00 16.95
CA LEU A 117 16.45 16.86 16.95
C LEU A 117 16.31 18.06 17.87
N LYS A 118 15.11 18.33 18.37
CA LYS A 118 14.92 19.29 19.44
C LYS A 118 15.09 18.66 20.81
N SER A 119 15.05 17.32 20.87
CA SER A 119 15.37 16.62 22.11
C SER A 119 16.85 16.72 22.43
N LEU A 120 17.69 16.62 21.39
CA LEU A 120 19.14 16.74 21.56
C LEU A 120 19.52 18.13 22.08
N MET B 7 14.94 3.49 9.01
CA MET B 7 14.68 4.00 10.35
C MET B 7 13.47 3.30 10.96
N ASP B 8 12.33 3.98 10.98
CA ASP B 8 11.07 3.41 11.46
C ASP B 8 10.28 2.75 10.34
N PHE B 9 10.97 2.01 9.47
CA PHE B 9 10.30 1.42 8.31
C PHE B 9 9.21 0.41 8.67
N PRO B 10 9.38 -0.51 9.62
CA PRO B 10 8.27 -1.43 9.94
C PRO B 10 7.02 -0.72 10.45
N GLN B 11 7.19 0.31 11.28
CA GLN B 11 6.03 1.02 11.80
C GLN B 11 5.39 1.91 10.74
N HIS B 12 6.19 2.49 9.85
CA HIS B 12 5.63 3.33 8.80
C HIS B 12 4.91 2.48 7.74
N SER B 13 5.50 1.35 7.35
CA SER B 13 4.87 0.50 6.36
C SER B 13 3.56 -0.09 6.88
N GLN B 14 3.47 -0.34 8.19
CA GLN B 14 2.21 -0.78 8.78
C GLN B 14 1.17 0.33 8.70
N HIS B 15 1.58 1.57 8.98
CA HIS B 15 0.65 2.69 8.87
CA HIS B 15 0.65 2.69 8.87
C HIS B 15 0.19 2.88 7.42
N VAL B 16 1.09 2.66 6.46
CA VAL B 16 0.72 2.80 5.05
C VAL B 16 -0.29 1.72 4.67
N LEU B 17 -0.03 0.48 5.08
CA LEU B 17 -0.93 -0.62 4.74
C LEU B 17 -2.29 -0.44 5.41
N GLU B 18 -2.31 0.01 6.66
CA GLU B 18 -3.58 0.28 7.33
C GLU B 18 -4.39 1.34 6.59
N GLN B 19 -3.71 2.39 6.11
CA GLN B 19 -4.41 3.43 5.38
C GLN B 19 -4.86 2.95 4.00
N LEU B 20 -4.05 2.10 3.36
CA LEU B 20 -4.47 1.51 2.10
C LEU B 20 -5.68 0.60 2.29
N ASN B 21 -5.76 -0.07 3.45
CA ASN B 21 -6.91 -0.91 3.74
C ASN B 21 -8.18 -0.08 3.88
N GLN B 22 -8.08 1.07 4.55
CA GLN B 22 -9.27 1.89 4.74
C GLN B 22 -9.71 2.56 3.44
N GLN B 23 -8.76 2.87 2.55
CA GLN B 23 -9.14 3.29 1.20
C GLN B 23 -9.96 2.22 0.51
N ARG B 24 -9.59 0.95 0.71
CA ARG B 24 -10.31 -0.15 0.07
C ARG B 24 -11.70 -0.32 0.66
N GLN B 25 -11.83 -0.21 1.99
CA GLN B 25 -13.14 -0.35 2.62
C GLN B 25 -14.11 0.72 2.14
N LEU B 26 -13.61 1.92 1.86
CA LEU B 26 -14.43 3.03 1.39
C LEU B 26 -14.46 3.14 -0.12
N GLY B 27 -13.73 2.29 -0.84
CA GLY B 27 -13.69 2.37 -2.28
C GLY B 27 -12.95 3.56 -2.83
N LEU B 28 -12.02 4.12 -2.06
CA LEU B 28 -11.29 5.32 -2.47
C LEU B 28 -10.05 4.93 -3.25
N LEU B 29 -9.82 5.60 -4.38
CA LEU B 29 -8.62 5.43 -5.21
C LEU B 29 -8.45 4.00 -5.69
N CYS B 30 -9.55 3.26 -5.80
CA CYS B 30 -9.52 1.89 -6.31
C CYS B 30 -9.59 1.94 -7.83
N ASP B 31 -8.72 1.17 -8.49
CA ASP B 31 -8.62 1.20 -9.95
C ASP B 31 -8.92 -0.14 -10.60
N CYS B 32 -9.45 -1.11 -9.86
CA CYS B 32 -9.82 -2.38 -10.44
C CYS B 32 -10.98 -2.97 -9.64
N THR B 33 -11.85 -3.69 -10.34
CA THR B 33 -13.04 -4.29 -9.75
C THR B 33 -13.25 -5.69 -10.30
N PHE B 34 -13.60 -6.62 -9.41
CA PHE B 34 -13.94 -7.99 -9.79
C PHE B 34 -15.31 -8.35 -9.24
N VAL B 35 -15.98 -9.27 -9.91
CA VAL B 35 -17.14 -9.97 -9.36
C VAL B 35 -16.87 -11.47 -9.46
N VAL B 36 -16.98 -12.15 -8.33
CA VAL B 36 -16.79 -13.60 -8.24
C VAL B 36 -17.96 -14.16 -7.45
N ASP B 37 -18.67 -15.13 -8.05
CA ASP B 37 -19.89 -15.69 -7.48
C ASP B 37 -20.94 -14.61 -7.23
N GLY B 38 -20.85 -13.49 -7.94
CA GLY B 38 -21.78 -12.39 -7.75
C GLY B 38 -21.40 -11.40 -6.68
N VAL B 39 -20.17 -11.46 -6.17
CA VAL B 39 -19.70 -10.58 -5.10
C VAL B 39 -18.73 -9.58 -5.68
N HIS B 40 -18.98 -8.30 -5.45
CA HIS B 40 -18.14 -7.23 -6.00
C HIS B 40 -16.98 -6.92 -5.07
N PHE B 41 -15.78 -6.80 -5.65
CA PHE B 41 -14.57 -6.47 -4.90
C PHE B 41 -13.93 -5.21 -5.48
N LYS B 42 -13.37 -4.39 -4.60
CA LYS B 42 -12.64 -3.19 -4.99
C LYS B 42 -11.25 -3.24 -4.37
N ALA B 43 -10.24 -2.82 -5.13
CA ALA B 43 -8.87 -2.89 -4.64
C ALA B 43 -7.98 -2.01 -5.52
N HIS B 44 -6.72 -1.88 -5.09
CA HIS B 44 -5.71 -1.14 -5.84
C HIS B 44 -4.88 -2.09 -6.67
N LYS B 45 -4.71 -1.77 -7.96
CA LYS B 45 -3.87 -2.59 -8.83
C LYS B 45 -2.45 -2.69 -8.29
N ALA B 46 -1.92 -1.59 -7.75
CA ALA B 46 -0.55 -1.59 -7.25
C ALA B 46 -0.38 -2.50 -6.05
N VAL B 47 -1.37 -2.52 -5.16
CA VAL B 47 -1.31 -3.42 -4.00
C VAL B 47 -1.40 -4.87 -4.44
N LEU B 48 -2.27 -5.15 -5.41
CA LEU B 48 -2.41 -6.52 -5.91
C LEU B 48 -1.11 -7.00 -6.54
N ALA B 49 -0.48 -6.16 -7.36
CA ALA B 49 0.77 -6.54 -8.00
C ALA B 49 1.89 -6.72 -6.98
N ALA B 50 1.82 -5.99 -5.86
CA ALA B 50 2.84 -6.11 -4.82
C ALA B 50 2.72 -7.40 -4.01
N CYS B 51 1.63 -8.15 -4.16
CA CYS B 51 1.39 -9.33 -3.35
C CYS B 51 1.15 -10.60 -4.16
N SER B 52 0.75 -10.49 -5.43
CA SER B 52 0.46 -11.64 -6.27
C SER B 52 1.20 -11.51 -7.59
N GLU B 53 1.93 -12.56 -7.96
CA GLU B 53 2.63 -12.56 -9.23
C GLU B 53 1.67 -12.60 -10.41
N TYR B 54 0.51 -13.26 -10.25
CA TYR B 54 -0.49 -13.26 -11.32
C TYR B 54 -0.94 -11.85 -11.64
N PHE B 55 -1.29 -11.08 -10.61
CA PHE B 55 -1.74 -9.70 -10.84
C PHE B 55 -0.60 -8.83 -11.34
N LYS B 56 0.61 -9.07 -10.84
CA LYS B 56 1.77 -8.30 -11.31
C LYS B 56 1.98 -8.49 -12.81
N MET B 57 1.99 -9.74 -13.26
CA MET B 57 2.15 -9.99 -14.68
C MET B 57 0.97 -9.49 -15.49
N LEU B 58 -0.23 -9.47 -14.90
CA LEU B 58 -1.41 -9.03 -15.62
C LEU B 58 -1.48 -7.51 -15.72
N PHE B 59 -1.17 -6.80 -14.64
CA PHE B 59 -1.32 -5.35 -14.63
C PHE B 59 -0.13 -4.64 -15.28
N VAL B 60 1.08 -5.22 -15.19
CA VAL B 60 2.23 -4.63 -15.86
C VAL B 60 2.09 -4.77 -17.37
N ASP B 61 1.46 -5.86 -17.83
CA ASP B 61 1.13 -6.01 -19.24
C ASP B 61 0.05 -5.03 -19.70
N GLN B 62 -0.39 -4.12 -18.83
CA GLN B 62 -1.45 -3.15 -19.13
C GLN B 62 -2.75 -3.86 -19.52
N LYS B 63 -3.02 -4.97 -18.84
CA LYS B 63 -4.25 -5.72 -19.04
C LYS B 63 -5.16 -5.55 -17.82
N ASP B 64 -6.47 -5.58 -18.08
CA ASP B 64 -7.48 -5.44 -17.05
C ASP B 64 -8.15 -6.79 -16.81
N VAL B 65 -8.92 -6.83 -15.73
CA VAL B 65 -9.59 -8.05 -15.28
C VAL B 65 -10.99 -8.11 -15.87
N VAL B 66 -11.37 -9.30 -16.33
CA VAL B 66 -12.71 -9.51 -16.88
C VAL B 66 -13.32 -10.75 -16.24
N HIS B 67 -12.72 -11.91 -16.54
CA HIS B 67 -13.19 -13.21 -16.05
C HIS B 67 -12.08 -13.81 -15.18
N LEU B 68 -12.12 -13.48 -13.88
CA LEU B 68 -11.15 -14.05 -12.96
C LEU B 68 -11.45 -15.52 -12.74
N ASP B 69 -10.47 -16.38 -13.02
CA ASP B 69 -10.69 -17.81 -13.09
C ASP B 69 -10.70 -18.48 -11.73
N ILE B 70 -11.51 -17.98 -10.79
CA ILE B 70 -11.64 -18.57 -9.47
C ILE B 70 -13.11 -18.84 -9.19
N SER B 71 -13.36 -19.83 -8.33
CA SER B 71 -14.71 -20.28 -8.05
C SER B 71 -15.26 -19.76 -6.72
N ASN B 72 -14.40 -19.32 -5.81
CA ASN B 72 -14.80 -18.99 -4.45
C ASN B 72 -14.60 -17.51 -4.21
N ALA B 73 -15.67 -16.83 -3.77
CA ALA B 73 -15.59 -15.43 -3.36
C ALA B 73 -15.18 -15.29 -1.91
N ALA B 74 -15.57 -16.24 -1.06
CA ALA B 74 -15.16 -16.21 0.34
C ALA B 74 -13.64 -16.36 0.47
N GLY B 75 -13.05 -17.25 -0.33
CA GLY B 75 -11.61 -17.41 -0.30
C GLY B 75 -10.89 -16.21 -0.87
N LEU B 76 -11.44 -15.60 -1.91
CA LEU B 76 -10.85 -14.39 -2.46
C LEU B 76 -10.90 -13.25 -1.45
N GLY B 77 -12.00 -13.15 -0.70
CA GLY B 77 -12.08 -12.14 0.35
C GLY B 77 -11.04 -12.33 1.42
N GLN B 78 -10.78 -13.58 1.81
CA GLN B 78 -9.74 -13.86 2.80
C GLN B 78 -8.36 -13.54 2.26
N VAL B 79 -8.12 -13.82 0.97
CA VAL B 79 -6.83 -13.53 0.36
C VAL B 79 -6.63 -12.03 0.24
N LEU B 80 -7.67 -11.33 -0.25
CA LEU B 80 -7.60 -9.88 -0.35
C LEU B 80 -7.48 -9.23 1.04
N GLU B 81 -8.06 -9.85 2.07
CA GLU B 81 -7.89 -9.36 3.43
C GLU B 81 -6.45 -9.52 3.90
N PHE B 82 -5.82 -10.64 3.57
CA PHE B 82 -4.42 -10.83 3.93
C PHE B 82 -3.53 -9.80 3.26
N MET B 83 -3.86 -9.43 2.01
CA MET B 83 -3.00 -8.51 1.27
C MET B 83 -3.04 -7.11 1.87
N TYR B 84 -4.11 -6.77 2.59
CA TYR B 84 -4.27 -5.44 3.16
C TYR B 84 -4.12 -5.41 4.67
N THR B 85 -4.05 -6.57 5.34
CA THR B 85 -3.92 -6.62 6.78
C THR B 85 -2.81 -7.55 7.29
N ALA B 86 -2.19 -8.34 6.41
CA ALA B 86 -1.16 -9.31 6.80
C ALA B 86 -1.69 -10.36 7.77
N LYS B 87 -2.99 -10.64 7.69
CA LYS B 87 -3.63 -11.62 8.57
C LYS B 87 -4.47 -12.58 7.74
N LEU B 88 -4.42 -13.86 8.10
CA LEU B 88 -5.16 -14.90 7.41
C LEU B 88 -5.63 -15.92 8.43
N SER B 89 -6.94 -16.19 8.44
CA SER B 89 -7.54 -17.14 9.37
C SER B 89 -7.95 -18.38 8.57
N LEU B 90 -7.22 -19.47 8.75
CA LEU B 90 -7.48 -20.72 8.05
C LEU B 90 -8.27 -21.66 8.94
N SER B 91 -9.16 -22.45 8.32
CA SER B 91 -9.97 -23.43 9.04
C SER B 91 -10.26 -24.57 8.09
N PRO B 92 -10.60 -25.75 8.61
CA PRO B 92 -10.95 -26.87 7.72
C PRO B 92 -12.12 -26.56 6.80
N GLU B 93 -12.93 -25.56 7.12
CA GLU B 93 -14.07 -25.22 6.27
C GLU B 93 -13.67 -24.40 5.04
N ASN B 94 -12.56 -23.65 5.13
CA ASN B 94 -12.18 -22.74 4.06
C ASN B 94 -10.78 -22.98 3.50
N VAL B 95 -9.99 -23.88 4.08
CA VAL B 95 -8.59 -24.00 3.71
C VAL B 95 -8.43 -24.42 2.25
N ASP B 96 -9.37 -25.23 1.73
CA ASP B 96 -9.27 -25.68 0.35
C ASP B 96 -9.65 -24.60 -0.64
N ASP B 97 -10.60 -23.74 -0.28
CA ASP B 97 -10.96 -22.63 -1.17
C ASP B 97 -9.88 -21.56 -1.18
N VAL B 98 -9.27 -21.30 -0.01
CA VAL B 98 -8.17 -20.35 0.04
C VAL B 98 -6.98 -20.86 -0.76
N LEU B 99 -6.74 -22.17 -0.71
CA LEU B 99 -5.64 -22.75 -1.48
C LEU B 99 -5.87 -22.61 -2.98
N ALA B 100 -7.12 -22.85 -3.43
CA ALA B 100 -7.42 -22.75 -4.86
C ALA B 100 -7.24 -21.32 -5.36
N VAL B 101 -7.66 -20.33 -4.57
CA VAL B 101 -7.49 -18.94 -4.97
C VAL B 101 -6.01 -18.56 -4.96
N ALA B 102 -5.29 -18.94 -3.89
CA ALA B 102 -3.88 -18.61 -3.80
C ALA B 102 -3.07 -19.31 -4.89
N THR B 103 -3.47 -20.53 -5.25
CA THR B 103 -2.79 -21.24 -6.33
C THR B 103 -2.96 -20.48 -7.65
N PHE B 104 -4.16 -19.99 -7.92
CA PHE B 104 -4.38 -19.23 -9.14
C PHE B 104 -3.64 -17.90 -9.11
N LEU B 105 -3.61 -17.24 -7.95
CA LEU B 105 -2.90 -15.98 -7.80
C LEU B 105 -1.40 -16.17 -7.64
N GLN B 106 -0.92 -17.41 -7.60
CA GLN B 106 0.51 -17.73 -7.52
C GLN B 106 1.16 -17.13 -6.27
N MET B 107 0.40 -17.06 -5.19
CA MET B 107 0.91 -16.52 -3.92
C MET B 107 1.45 -17.68 -3.10
N GLN B 108 2.76 -17.91 -3.18
CA GLN B 108 3.37 -19.08 -2.54
C GLN B 108 3.29 -19.00 -1.03
N ASP B 109 3.21 -17.80 -0.46
CA ASP B 109 3.14 -17.69 0.99
C ASP B 109 1.83 -18.25 1.53
N ILE B 110 0.72 -18.00 0.83
CA ILE B 110 -0.56 -18.54 1.27
C ILE B 110 -0.69 -20.02 0.92
N ILE B 111 -0.07 -20.45 -0.19
CA ILE B 111 -0.15 -21.85 -0.59
C ILE B 111 0.48 -22.74 0.46
N THR B 112 1.69 -22.39 0.92
CA THR B 112 2.34 -23.16 1.97
C THR B 112 1.55 -23.09 3.28
N ALA B 113 0.91 -21.95 3.56
CA ALA B 113 0.14 -21.83 4.78
C ALA B 113 -1.04 -22.79 4.80
N CYS B 114 -1.73 -22.94 3.66
CA CYS B 114 -2.82 -23.89 3.58
C CYS B 114 -2.30 -25.32 3.65
N HIS B 115 -1.18 -25.60 2.98
CA HIS B 115 -0.58 -26.93 3.07
C HIS B 115 -0.22 -27.29 4.51
N ALA B 116 0.17 -26.29 5.30
CA ALA B 116 0.48 -26.55 6.71
C ALA B 116 -0.80 -26.83 7.50
N LEU B 117 -1.89 -26.14 7.17
CA LEU B 117 -3.14 -26.35 7.88
C LEU B 117 -3.69 -27.76 7.63
N LYS B 118 -3.57 -28.25 6.40
CA LYS B 118 -4.04 -29.58 6.06
C LYS B 118 -3.12 -30.69 6.58
N SER B 119 -1.91 -30.34 7.04
CA SER B 119 -1.03 -31.33 7.63
C SER B 119 -1.56 -31.85 8.96
N LEU B 120 -2.40 -31.08 9.65
CA LEU B 120 -2.94 -31.47 10.93
C LEU B 120 -3.97 -32.60 10.78
C1 GOL C . 2.13 18.61 -5.19
O1 GOL C . 1.11 17.76 -5.62
C2 GOL C . 3.46 17.92 -5.52
O2 GOL C . 3.55 17.56 -6.86
C3 GOL C . 4.54 18.94 -5.13
O3 GOL C . 4.51 19.94 -6.11
#